data_5BRL
#
_entry.id   5BRL
#
_cell.length_a   47.379
_cell.length_b   41.683
_cell.length_c   121.464
_cell.angle_alpha   90.000
_cell.angle_beta   90.020
_cell.angle_gamma   90.000
#
_symmetry.space_group_name_H-M   'P 1 21 1'
#
loop_
_entity.id
_entity.type
_entity.pdbx_description
1 polymer 'StAR-related lipid transfer protein 4'
2 water water
#
_entity_poly.entity_id   1
_entity_poly.type   'polypeptide(L)'
_entity_poly.pdbx_seq_one_letter_code
;RKIKLEGLSDVASISTKLQNTLIQYHSIKEDEWRVAKKVKDVTVWRKPSEEFNGYLYKAQGVMDDVVNNVIDHIRPGPWR
LDWDRLMTSLDVLEHFEENCCVMRYTTAGQLDNIISPREFVDFSYTVGYEEGLLSCGVSVEWSETRPEFVRGYNHPCGWF
CVPLKDSPSQSLLTGYIQTDLRGMIPQSAVDTAMASTLANFYSDLRKGLR
;
_entity_poly.pdbx_strand_id   A,B
#
# COMPACT_ATOMS: atom_id res chain seq x y z
N ARG A 1 12.66 -0.35 -34.11
CA ARG A 1 11.71 0.10 -35.12
C ARG A 1 11.12 1.44 -34.74
N LYS A 2 11.94 2.36 -34.25
CA LYS A 2 11.42 3.51 -33.53
C LYS A 2 10.66 4.52 -34.41
N ILE A 3 9.61 5.08 -33.80
CA ILE A 3 8.43 5.56 -34.51
C ILE A 3 8.51 6.96 -35.10
N LYS A 4 8.40 7.05 -36.42
CA LYS A 4 8.25 8.33 -37.10
C LYS A 4 6.84 8.46 -37.61
N LEU A 5 6.22 9.62 -37.38
CA LEU A 5 4.87 9.84 -37.85
C LEU A 5 4.89 10.78 -39.05
N GLU A 6 5.14 10.22 -40.22
CA GLU A 6 5.42 11.02 -41.41
C GLU A 6 4.23 11.14 -42.34
N GLY A 7 3.21 10.34 -42.10
CA GLY A 7 2.07 10.32 -42.99
C GLY A 7 0.86 9.72 -42.30
N LEU A 8 -0.25 9.69 -43.01
CA LEU A 8 -1.49 9.18 -42.45
C LEU A 8 -1.40 7.71 -42.07
N SER A 9 -0.74 6.92 -42.91
CA SER A 9 -0.59 5.49 -42.66
C SER A 9 0.19 5.21 -41.38
N ASP A 10 1.15 6.07 -41.05
CA ASP A 10 1.91 5.93 -39.81
C ASP A 10 0.99 6.08 -38.60
N VAL A 11 0.17 7.13 -38.61
CA VAL A 11 -0.79 7.37 -37.53
C VAL A 11 -1.84 6.27 -37.43
N ALA A 12 -2.25 5.71 -38.56
CA ALA A 12 -3.23 4.62 -38.57
C ALA A 12 -2.62 3.34 -38.00
N SER A 13 -1.43 3.00 -38.47
CA SER A 13 -0.68 1.84 -37.96
C SER A 13 -0.48 1.93 -36.46
N ILE A 14 -0.01 3.07 -35.98
CA ILE A 14 0.37 3.15 -34.57
C ILE A 14 -0.86 3.16 -33.68
N SER A 15 -1.93 3.83 -34.13
CA SER A 15 -3.19 3.90 -33.39
C SER A 15 -3.81 2.53 -33.13
N THR A 16 -3.89 1.72 -34.18
CA THR A 16 -4.58 0.45 -34.05
C THR A 16 -3.71 -0.52 -33.25
N LYS A 17 -2.39 -0.45 -33.45
CA LYS A 17 -1.49 -1.32 -32.71
C LYS A 17 -1.50 -0.99 -31.22
N LEU A 18 -1.52 0.30 -30.90
CA LEU A 18 -1.59 0.76 -29.50
C LEU A 18 -2.87 0.28 -28.81
N GLN A 19 -3.97 0.38 -29.53
CA GLN A 19 -5.24 -0.04 -29.01
C GLN A 19 -5.20 -1.52 -28.68
N ASN A 20 -4.73 -2.32 -29.63
CA ASN A 20 -4.70 -3.77 -29.46
C ASN A 20 -3.75 -4.15 -28.34
N THR A 21 -2.67 -3.40 -28.21
CA THR A 21 -1.68 -3.67 -27.18
C THR A 21 -2.26 -3.37 -25.80
N LEU A 22 -2.80 -2.16 -25.61
CA LEU A 22 -3.39 -1.79 -24.32
C LEU A 22 -4.51 -2.73 -23.90
N ILE A 23 -5.28 -3.22 -24.87
CA ILE A 23 -6.37 -4.15 -24.59
C ILE A 23 -5.79 -5.47 -24.09
N GLN A 24 -4.66 -5.89 -24.68
CA GLN A 24 -4.02 -7.12 -24.26
C GLN A 24 -3.49 -7.00 -22.84
N TYR A 25 -2.92 -5.84 -22.50
CA TYR A 25 -2.46 -5.58 -21.12
C TYR A 25 -3.65 -5.67 -20.16
N HIS A 26 -4.79 -5.18 -20.62
CA HIS A 26 -5.99 -5.12 -19.79
C HIS A 26 -6.56 -6.53 -19.56
N SER A 27 -6.12 -7.50 -20.35
CA SER A 27 -6.58 -8.87 -20.20
C SER A 27 -5.58 -9.76 -19.45
N ILE A 28 -4.43 -9.21 -19.09
CA ILE A 28 -3.43 -9.96 -18.32
C ILE A 28 -4.01 -10.36 -16.96
N LYS A 29 -3.91 -11.64 -16.63
CA LYS A 29 -4.52 -12.18 -15.40
C LYS A 29 -3.77 -11.79 -14.12
N GLU A 30 -4.50 -11.81 -13.00
CA GLU A 30 -3.98 -11.27 -11.73
C GLU A 30 -2.71 -11.97 -11.23
N ASP A 31 -2.52 -13.23 -11.62
CA ASP A 31 -1.34 -14.01 -11.24
C ASP A 31 -0.02 -13.45 -11.75
N GLU A 32 -0.09 -12.66 -12.81
CA GLU A 32 1.13 -12.11 -13.42
C GLU A 32 1.54 -10.79 -12.76
N TRP A 33 0.66 -10.25 -11.93
CA TRP A 33 0.91 -8.95 -11.29
C TRP A 33 1.39 -9.12 -9.84
N ARG A 34 2.39 -8.34 -9.46
CA ARG A 34 2.81 -8.26 -8.06
C ARG A 34 2.50 -6.86 -7.52
N VAL A 35 1.96 -6.80 -6.30
CA VAL A 35 1.59 -5.52 -5.70
C VAL A 35 2.82 -4.66 -5.41
N ALA A 36 2.80 -3.42 -5.93
CA ALA A 36 3.89 -2.47 -5.75
C ALA A 36 3.53 -1.49 -4.66
N LYS A 37 2.25 -1.13 -4.61
CA LYS A 37 1.77 -0.25 -3.57
C LYS A 37 0.27 -0.40 -3.44
N LYS A 38 -0.22 -0.47 -2.20
CA LYS A 38 -1.65 -0.61 -1.97
C LYS A 38 -2.12 0.28 -0.84
N VAL A 39 -3.05 1.19 -1.14
CA VAL A 39 -3.66 2.06 -0.14
C VAL A 39 -5.15 2.08 -0.41
N LYS A 40 -5.91 2.76 0.43
CA LYS A 40 -7.36 2.67 0.33
C LYS A 40 -7.88 3.13 -1.03
N ASP A 41 -7.28 4.17 -1.61
CA ASP A 41 -7.81 4.80 -2.82
C ASP A 41 -7.20 4.28 -4.13
N VAL A 42 -6.09 3.54 -4.04
CA VAL A 42 -5.48 3.01 -5.25
C VAL A 42 -4.64 1.77 -4.95
N THR A 43 -4.61 0.84 -5.90
CA THR A 43 -3.62 -0.23 -5.89
C THR A 43 -2.72 -0.11 -7.11
N VAL A 44 -1.42 -0.30 -6.90
CA VAL A 44 -0.45 -0.29 -8.00
C VAL A 44 0.24 -1.65 -8.06
N TRP A 45 0.22 -2.27 -9.23
CA TRP A 45 0.95 -3.53 -9.46
C TRP A 45 2.11 -3.34 -10.44
N ARG A 46 3.06 -4.27 -10.45
CA ARG A 46 4.09 -4.31 -11.49
C ARG A 46 4.30 -5.73 -12.03
N LYS A 47 4.80 -5.82 -13.26
CA LYS A 47 5.23 -7.09 -13.88
C LYS A 47 6.41 -6.77 -14.79
N PRO A 48 7.24 -7.78 -15.08
CA PRO A 48 8.36 -7.50 -16.01
C PRO A 48 7.83 -7.05 -17.36
N SER A 49 8.44 -6.01 -17.91
CA SER A 49 8.09 -5.52 -19.23
C SER A 49 8.65 -6.42 -20.29
N GLU A 50 7.90 -6.62 -21.36
CA GLU A 50 8.43 -7.32 -22.53
C GLU A 50 9.20 -6.37 -23.47
N GLU A 51 9.24 -5.08 -23.15
CA GLU A 51 9.76 -4.07 -24.08
C GLU A 51 11.16 -3.59 -23.73
N PHE A 52 11.51 -3.66 -22.45
CA PHE A 52 12.77 -3.09 -21.99
C PHE A 52 13.07 -3.62 -20.61
N ASN A 53 14.29 -3.38 -20.15
CA ASN A 53 14.71 -3.82 -18.81
C ASN A 53 14.03 -2.97 -17.75
N GLY A 54 12.83 -3.38 -17.38
CA GLY A 54 12.08 -2.62 -16.40
C GLY A 54 10.70 -3.22 -16.29
N TYR A 55 9.80 -2.47 -15.67
CA TYR A 55 8.47 -2.96 -15.34
C TYR A 55 7.38 -2.27 -16.11
N LEU A 56 6.31 -3.04 -16.36
CA LEU A 56 5.03 -2.49 -16.76
C LEU A 56 4.24 -2.30 -15.47
N TYR A 57 3.69 -1.11 -15.28
CA TYR A 57 2.88 -0.88 -14.09
C TYR A 57 1.40 -0.92 -14.45
N LYS A 58 0.61 -1.38 -13.50
CA LYS A 58 -0.84 -1.31 -13.57
C LYS A 58 -1.34 -0.58 -12.31
N ALA A 59 -2.34 0.27 -12.47
CA ALA A 59 -2.99 0.89 -11.32
C ALA A 59 -4.49 0.88 -11.50
N GLN A 60 -5.22 0.82 -10.40
CA GLN A 60 -6.67 0.82 -10.49
C GLN A 60 -7.28 1.53 -9.29
N GLY A 61 -8.23 2.41 -9.55
CA GLY A 61 -8.88 3.17 -8.50
C GLY A 61 -10.12 3.82 -9.08
N VAL A 62 -11.01 4.26 -8.20
CA VAL A 62 -12.24 4.95 -8.60
C VAL A 62 -12.08 6.45 -8.56
N MET A 63 -12.69 7.12 -9.53
CA MET A 63 -12.78 8.58 -9.53
C MET A 63 -14.24 8.99 -9.32
N ASP A 64 -14.45 9.97 -8.45
CA ASP A 64 -15.78 10.51 -8.16
C ASP A 64 -16.22 11.48 -9.28
N ASP A 65 -16.28 10.97 -10.51
CA ASP A 65 -16.65 11.77 -11.69
C ASP A 65 -16.93 10.84 -12.88
N VAL A 66 -17.55 11.38 -13.93
CA VAL A 66 -17.94 10.56 -15.07
C VAL A 66 -16.78 10.44 -16.07
N VAL A 67 -16.85 9.42 -16.92
CA VAL A 67 -15.74 9.05 -17.81
C VAL A 67 -15.22 10.24 -18.60
N ASN A 68 -16.13 11.00 -19.18
CA ASN A 68 -15.72 12.08 -20.06
C ASN A 68 -14.87 13.14 -19.36
N ASN A 69 -15.23 13.50 -18.13
CA ASN A 69 -14.46 14.52 -17.43
C ASN A 69 -13.11 13.99 -16.93
N VAL A 70 -13.08 12.73 -16.51
CA VAL A 70 -11.81 12.09 -16.14
C VAL A 70 -10.84 12.07 -17.32
N ILE A 71 -11.26 11.52 -18.45
CA ILE A 71 -10.38 11.42 -19.60
C ILE A 71 -10.01 12.81 -20.16
N ASP A 72 -10.91 13.78 -20.04
CA ASP A 72 -10.59 15.14 -20.49
C ASP A 72 -9.40 15.69 -19.70
N HIS A 73 -9.30 15.34 -18.43
CA HIS A 73 -8.25 15.87 -17.58
C HIS A 73 -6.92 15.11 -17.74
N ILE A 74 -6.99 13.88 -18.25
CA ILE A 74 -5.81 13.06 -18.48
C ILE A 74 -5.15 13.35 -19.82
N ARG A 75 -5.97 13.64 -20.84
CA ARG A 75 -5.45 13.89 -22.19
C ARG A 75 -4.46 15.07 -22.26
N PRO A 76 -3.53 15.04 -23.21
CA PRO A 76 -2.54 16.11 -23.36
C PRO A 76 -3.15 17.49 -23.58
N GLY A 77 -2.81 18.44 -22.73
CA GLY A 77 -3.25 19.80 -22.90
C GLY A 77 -3.05 20.51 -21.59
N PRO A 78 -3.42 21.80 -21.52
CA PRO A 78 -3.26 22.61 -20.31
C PRO A 78 -3.95 22.06 -19.06
N TRP A 79 -5.05 21.32 -19.19
CA TRP A 79 -5.70 20.76 -17.99
C TRP A 79 -4.84 19.69 -17.32
N ARG A 80 -4.17 18.87 -18.13
CA ARG A 80 -3.33 17.81 -17.59
C ARG A 80 -2.18 18.44 -16.82
N LEU A 81 -1.60 19.49 -17.40
CA LEU A 81 -0.48 20.21 -16.77
C LEU A 81 -0.93 20.84 -15.45
N ASP A 82 -2.17 21.31 -15.41
CA ASP A 82 -2.75 21.95 -14.22
C ASP A 82 -2.67 21.10 -12.97
N TRP A 83 -3.07 19.82 -13.04
CA TRP A 83 -3.13 19.01 -11.82
C TRP A 83 -1.96 18.03 -11.57
N ASP A 84 -1.24 17.68 -12.63
CA ASP A 84 -0.18 16.65 -12.52
C ASP A 84 1.12 17.20 -11.94
N ARG A 85 1.33 16.99 -10.64
CA ARG A 85 2.51 17.52 -9.96
C ARG A 85 3.84 17.09 -10.57
N LEU A 86 3.88 15.97 -11.27
CA LEU A 86 5.14 15.51 -11.85
C LEU A 86 5.52 16.32 -13.09
N MET A 87 4.53 16.90 -13.75
CA MET A 87 4.78 17.62 -14.98
C MET A 87 5.16 19.07 -14.75
N THR A 88 6.25 19.52 -15.38
CA THR A 88 6.68 20.91 -15.28
C THR A 88 6.32 21.72 -16.53
N SER A 89 6.10 21.03 -17.64
CA SER A 89 5.64 21.69 -18.86
C SER A 89 4.99 20.68 -19.77
N LEU A 90 4.17 21.15 -20.69
CA LEU A 90 3.47 20.26 -21.61
C LEU A 90 3.05 21.09 -22.81
N ASP A 91 3.49 20.68 -23.99
CA ASP A 91 3.08 21.34 -25.23
C ASP A 91 2.59 20.29 -26.22
N VAL A 92 1.33 20.41 -26.64
CA VAL A 92 0.85 19.59 -27.74
C VAL A 92 1.54 20.14 -28.98
N LEU A 93 2.17 19.27 -29.76
CA LEU A 93 3.00 19.71 -30.89
C LEU A 93 2.26 19.72 -32.21
N GLU A 94 1.42 18.72 -32.44
CA GLU A 94 0.61 18.68 -33.66
C GLU A 94 -0.72 17.98 -33.42
N HIS A 95 -1.76 18.57 -34.00
CA HIS A 95 -3.11 18.04 -33.96
C HIS A 95 -3.33 17.17 -35.20
N PHE A 96 -3.56 15.87 -35.04
CA PHE A 96 -3.82 15.04 -36.22
C PHE A 96 -5.32 14.99 -36.49
N GLU A 97 -6.08 14.62 -35.46
CA GLU A 97 -7.53 14.68 -35.48
C GLU A 97 -7.98 15.13 -34.11
N GLU A 98 -9.31 15.19 -33.90
CA GLU A 98 -9.83 15.61 -32.60
C GLU A 98 -9.37 14.70 -31.46
N ASN A 99 -9.00 13.45 -31.79
CA ASN A 99 -8.72 12.45 -30.76
C ASN A 99 -7.28 11.95 -30.82
N CYS A 100 -6.43 12.69 -31.51
CA CYS A 100 -5.14 12.16 -31.86
C CYS A 100 -4.11 13.26 -32.07
N CYS A 101 -2.97 13.16 -31.38
CA CYS A 101 -1.98 14.22 -31.40
C CYS A 101 -0.60 13.70 -31.02
N VAL A 102 0.40 14.56 -31.20
CA VAL A 102 1.72 14.34 -30.63
C VAL A 102 2.02 15.46 -29.64
N MET A 103 2.60 15.12 -28.49
CA MET A 103 2.91 16.14 -27.48
C MET A 103 4.29 15.94 -26.84
N ARG A 104 4.83 17.02 -26.27
CA ARG A 104 6.03 16.93 -25.45
C ARG A 104 5.73 17.36 -24.01
N TYR A 105 6.33 16.70 -23.03
CA TYR A 105 6.22 17.17 -21.66
C TYR A 105 7.51 16.95 -20.93
N THR A 106 7.72 17.73 -19.88
CA THR A 106 8.91 17.60 -19.05
C THR A 106 8.49 17.23 -17.62
N THR A 107 9.35 16.49 -16.92
CA THR A 107 9.05 16.08 -15.55
C THR A 107 10.01 16.73 -14.55
N ALA A 108 9.51 16.96 -13.34
CA ALA A 108 10.36 17.46 -12.26
C ALA A 108 11.33 16.38 -11.83
N GLY A 109 12.34 16.76 -11.05
CA GLY A 109 13.14 15.76 -10.37
C GLY A 109 12.28 14.95 -9.42
N GLN A 110 12.70 13.71 -9.15
CA GLN A 110 11.95 12.82 -8.26
C GLN A 110 12.86 12.25 -7.17
N LEU A 111 12.25 11.82 -6.07
CA LEU A 111 12.99 11.30 -4.91
C LEU A 111 14.06 12.27 -4.49
N ASP A 112 13.64 13.43 -3.99
CA ASP A 112 14.49 14.60 -3.76
C ASP A 112 15.64 14.66 -4.75
N ASN A 113 15.30 14.70 -6.03
CA ASN A 113 16.25 14.88 -7.12
C ASN A 113 17.30 13.77 -7.33
N ILE A 114 17.08 12.60 -6.73
CA ILE A 114 17.89 11.44 -7.12
C ILE A 114 17.67 11.18 -8.61
N ILE A 115 16.41 11.31 -9.03
CA ILE A 115 16.05 11.15 -10.43
C ILE A 115 15.88 12.52 -11.06
N SER A 116 16.75 12.84 -12.01
CA SER A 116 16.76 14.16 -12.59
C SER A 116 15.55 14.36 -13.51
N PRO A 117 15.25 15.63 -13.88
CA PRO A 117 14.18 15.88 -14.85
C PRO A 117 14.36 15.14 -16.18
N ARG A 118 13.25 14.80 -16.82
CA ARG A 118 13.25 14.18 -18.14
C ARG A 118 12.23 14.86 -19.05
N GLU A 119 12.36 14.62 -20.36
CA GLU A 119 11.27 15.02 -21.23
C GLU A 119 10.89 13.86 -22.14
N PHE A 120 9.66 13.89 -22.63
CA PHE A 120 9.15 12.81 -23.48
C PHE A 120 8.44 13.48 -24.65
N VAL A 121 8.47 12.86 -25.82
CA VAL A 121 7.63 13.25 -26.96
C VAL A 121 6.83 12.00 -27.27
N ASP A 122 5.51 12.11 -27.13
CA ASP A 122 4.59 10.96 -27.16
C ASP A 122 3.44 11.17 -28.14
N PHE A 123 3.08 10.09 -28.83
CA PHE A 123 1.86 10.02 -29.62
C PHE A 123 0.73 9.75 -28.63
N SER A 124 -0.44 10.34 -28.85
CA SER A 124 -1.57 10.17 -27.94
C SER A 124 -2.85 9.94 -28.74
N TYR A 125 -3.64 8.96 -28.30
CA TYR A 125 -4.81 8.51 -29.05
C TYR A 125 -5.93 8.20 -28.06
N THR A 126 -7.11 8.78 -28.29
CA THR A 126 -8.26 8.47 -27.45
C THR A 126 -9.35 7.82 -28.31
N VAL A 127 -9.88 6.70 -27.81
CA VAL A 127 -10.84 5.95 -28.59
C VAL A 127 -11.86 5.32 -27.61
N GLY A 128 -13.06 5.03 -28.11
CA GLY A 128 -14.08 4.44 -27.27
C GLY A 128 -13.68 3.03 -26.85
N TYR A 129 -13.98 2.69 -25.60
CA TYR A 129 -13.75 1.33 -25.09
C TYR A 129 -14.95 0.88 -24.26
N GLU A 130 -15.61 -0.19 -24.68
CA GLU A 130 -16.81 -0.67 -23.99
C GLU A 130 -17.78 0.48 -23.73
N GLU A 131 -18.07 0.73 -22.46
CA GLU A 131 -18.98 1.81 -22.10
C GLU A 131 -18.24 3.10 -21.83
N GLY A 132 -16.90 3.04 -21.91
CA GLY A 132 -16.09 4.20 -21.62
C GLY A 132 -15.14 4.63 -22.74
N LEU A 133 -13.92 4.95 -22.33
CA LEU A 133 -12.89 5.44 -23.25
C LEU A 133 -11.57 4.79 -22.93
N LEU A 134 -10.70 4.72 -23.93
CA LEU A 134 -9.28 4.39 -23.74
C LEU A 134 -8.45 5.54 -24.27
N SER A 135 -7.48 5.99 -23.47
CA SER A 135 -6.59 7.05 -23.93
C SER A 135 -5.17 6.54 -23.79
N CYS A 136 -4.49 6.30 -24.91
CA CYS A 136 -3.20 5.60 -24.90
C CYS A 136 -2.10 6.36 -25.63
N GLY A 137 -0.86 5.90 -25.49
CA GLY A 137 0.26 6.66 -25.99
C GLY A 137 1.54 5.86 -26.08
N VAL A 138 2.52 6.42 -26.79
CA VAL A 138 3.83 5.81 -26.91
C VAL A 138 4.77 6.91 -27.38
N SER A 139 6.04 6.83 -27.00
CA SER A 139 7.01 7.80 -27.44
C SER A 139 7.26 7.67 -28.93
N VAL A 140 7.52 8.80 -29.59
CA VAL A 140 7.82 8.81 -31.01
C VAL A 140 8.96 9.79 -31.31
N GLU A 141 9.55 9.65 -32.49
CA GLU A 141 10.59 10.56 -32.98
C GLU A 141 9.97 11.89 -33.37
N TRP A 142 10.62 12.99 -33.02
CA TRP A 142 10.09 14.31 -33.40
C TRP A 142 11.14 15.43 -33.31
N SER A 143 12.09 15.43 -34.23
CA SER A 143 13.31 16.22 -34.05
C SER A 143 13.13 17.71 -34.35
N GLU A 144 11.93 18.12 -34.75
CA GLU A 144 11.67 19.54 -35.03
C GLU A 144 11.66 20.42 -33.77
N THR A 145 11.38 19.81 -32.62
CA THR A 145 11.16 20.58 -31.40
C THR A 145 12.42 20.62 -30.53
N ARG A 146 12.76 21.82 -30.06
CA ARG A 146 13.97 22.03 -29.26
C ARG A 146 13.89 21.28 -27.94
N PRO A 147 14.80 20.31 -27.73
CA PRO A 147 14.81 19.58 -26.46
C PRO A 147 15.41 20.39 -25.31
N GLU A 148 15.02 20.07 -24.09
CA GLU A 148 15.61 20.71 -22.92
C GLU A 148 16.35 19.68 -22.07
N PHE A 149 15.73 18.51 -21.89
CA PHE A 149 16.33 17.46 -21.06
C PHE A 149 16.62 16.21 -21.86
N VAL A 150 17.37 15.31 -21.24
CA VAL A 150 17.50 13.95 -21.74
C VAL A 150 16.09 13.36 -21.92
N ARG A 151 15.86 12.73 -23.07
CA ARG A 151 14.56 12.14 -23.37
C ARG A 151 14.41 10.76 -22.75
N GLY A 152 13.37 10.58 -21.95
CA GLY A 152 12.99 9.25 -21.52
C GLY A 152 12.19 8.60 -22.65
N TYR A 153 11.73 7.38 -22.41
CA TYR A 153 10.97 6.64 -23.41
C TYR A 153 9.74 6.01 -22.78
N ASN A 154 8.56 6.42 -23.25
CA ASN A 154 7.33 5.77 -22.83
C ASN A 154 7.00 4.63 -23.78
N HIS A 155 7.17 3.42 -23.30
CA HIS A 155 6.71 2.26 -24.04
C HIS A 155 5.18 2.30 -23.97
N PRO A 156 4.49 1.39 -24.68
CA PRO A 156 3.04 1.57 -24.76
C PRO A 156 2.37 1.67 -23.40
N CYS A 157 1.46 2.63 -23.31
CA CYS A 157 0.84 3.00 -22.03
C CYS A 157 -0.53 3.58 -22.28
N GLY A 158 -1.33 3.70 -21.23
CA GLY A 158 -2.66 4.23 -21.40
C GLY A 158 -3.54 4.15 -20.18
N TRP A 159 -4.78 4.59 -20.37
CA TRP A 159 -5.74 4.75 -19.31
C TRP A 159 -7.10 4.31 -19.78
N PHE A 160 -7.62 3.26 -19.15
CA PHE A 160 -8.99 2.79 -19.36
C PHE A 160 -9.90 3.46 -18.35
N CYS A 161 -10.99 4.07 -18.81
CA CYS A 161 -11.93 4.71 -17.90
C CYS A 161 -13.33 4.34 -18.32
N VAL A 162 -14.05 3.67 -17.41
CA VAL A 162 -15.38 3.15 -17.69
C VAL A 162 -16.32 3.49 -16.54
N PRO A 163 -17.63 3.60 -16.81
CA PRO A 163 -18.55 3.86 -15.71
C PRO A 163 -18.44 2.78 -14.65
N LEU A 164 -18.50 3.19 -13.38
CA LEU A 164 -18.47 2.23 -12.30
C LEU A 164 -19.75 1.42 -12.33
N LYS A 165 -19.62 0.10 -12.31
CA LYS A 165 -20.77 -0.80 -12.28
C LYS A 165 -21.76 -0.35 -11.21
N ASP A 166 -23.03 -0.23 -11.61
CA ASP A 166 -24.14 0.15 -10.75
C ASP A 166 -24.10 1.62 -10.30
N SER A 167 -23.07 2.36 -10.70
CA SER A 167 -22.94 3.75 -10.24
C SER A 167 -22.27 4.64 -11.30
N PRO A 168 -23.01 4.97 -12.37
CA PRO A 168 -22.48 5.63 -13.57
C PRO A 168 -21.95 7.05 -13.34
N SER A 169 -22.31 7.69 -12.23
CA SER A 169 -21.76 9.02 -11.93
C SER A 169 -20.29 8.91 -11.45
N GLN A 170 -19.83 7.68 -11.25
CA GLN A 170 -18.44 7.42 -10.89
C GLN A 170 -17.79 6.57 -11.98
N SER A 171 -16.46 6.55 -11.98
CA SER A 171 -15.70 5.88 -13.02
C SER A 171 -14.61 4.99 -12.44
N LEU A 172 -14.43 3.80 -13.02
CA LEU A 172 -13.33 2.94 -12.68
C LEU A 172 -12.14 3.29 -13.59
N LEU A 173 -11.02 3.74 -13.01
CA LEU A 173 -9.88 4.16 -13.85
C LEU A 173 -8.70 3.20 -13.72
N THR A 174 -8.32 2.60 -14.85
CA THR A 174 -7.25 1.61 -14.90
C THR A 174 -6.13 2.10 -15.80
N GLY A 175 -4.93 2.18 -15.24
CA GLY A 175 -3.79 2.70 -15.96
C GLY A 175 -2.72 1.67 -16.20
N TYR A 176 -2.06 1.79 -17.34
CA TYR A 176 -0.88 1.00 -17.64
C TYR A 176 0.23 1.95 -18.02
N ILE A 177 1.35 1.88 -17.28
CA ILE A 177 2.48 2.77 -17.51
C ILE A 177 3.76 1.94 -17.64
N GLN A 178 4.61 2.33 -18.59
CA GLN A 178 5.74 1.48 -18.97
C GLN A 178 6.95 2.35 -19.28
N THR A 179 7.21 3.34 -18.42
CA THR A 179 8.23 4.34 -18.66
C THR A 179 9.68 3.88 -18.44
N ASP A 180 10.55 4.16 -19.41
CA ASP A 180 11.99 4.05 -19.23
C ASP A 180 12.55 5.44 -19.01
N LEU A 181 12.95 5.72 -17.77
CA LEU A 181 13.54 7.00 -17.42
C LEU A 181 14.91 7.21 -18.11
N ARG A 182 15.55 6.10 -18.45
CA ARG A 182 16.87 6.10 -19.07
C ARG A 182 17.92 6.78 -18.19
N GLY A 183 19.13 6.95 -18.71
CA GLY A 183 20.25 7.44 -17.92
C GLY A 183 20.68 6.39 -16.91
N MET A 184 21.54 6.77 -15.97
CA MET A 184 22.02 5.80 -15.00
C MET A 184 21.45 6.10 -13.61
N ILE A 185 20.57 5.22 -13.15
CA ILE A 185 19.85 5.39 -11.90
C ILE A 185 19.78 4.04 -11.20
N PRO A 186 20.10 3.99 -9.90
CA PRO A 186 19.95 2.75 -9.13
C PRO A 186 18.56 2.19 -9.36
N GLN A 187 18.43 0.91 -9.72
CA GLN A 187 17.11 0.37 -10.06
C GLN A 187 16.13 0.52 -8.91
N SER A 188 16.63 0.50 -7.68
CA SER A 188 15.76 0.65 -6.50
C SER A 188 15.08 2.02 -6.47
N ALA A 189 15.83 3.05 -6.86
CA ALA A 189 15.30 4.39 -6.98
C ALA A 189 14.22 4.44 -8.07
N VAL A 190 14.54 3.87 -9.24
CA VAL A 190 13.57 3.81 -10.34
C VAL A 190 12.24 3.19 -9.90
N ASP A 191 12.29 2.01 -9.27
CA ASP A 191 11.08 1.28 -8.87
C ASP A 191 10.28 2.04 -7.83
N THR A 192 10.98 2.71 -6.93
CA THR A 192 10.31 3.50 -5.89
C THR A 192 9.58 4.68 -6.55
N ALA A 193 10.29 5.38 -7.43
CA ALA A 193 9.73 6.57 -8.07
C ALA A 193 8.54 6.22 -8.98
N MET A 194 8.59 5.06 -9.63
CA MET A 194 7.52 4.69 -10.56
C MET A 194 6.24 4.31 -9.80
N ALA A 195 6.39 3.57 -8.72
CA ALA A 195 5.24 3.20 -7.91
C ALA A 195 4.63 4.44 -7.30
N SER A 196 5.48 5.40 -6.96
CA SER A 196 5.02 6.66 -6.37
C SER A 196 4.31 7.52 -7.41
N THR A 197 4.83 7.50 -8.63
CA THR A 197 4.26 8.26 -9.73
C THR A 197 2.81 7.87 -10.00
N LEU A 198 2.55 6.57 -10.01
CA LEU A 198 1.21 6.08 -10.25
C LEU A 198 0.26 6.41 -9.10
N ALA A 199 0.73 6.32 -7.86
CA ALA A 199 -0.12 6.65 -6.72
C ALA A 199 -0.43 8.14 -6.67
N ASN A 200 0.56 8.97 -6.95
CA ASN A 200 0.39 10.42 -6.90
C ASN A 200 -0.54 10.89 -8.04
N PHE A 201 -0.51 10.16 -9.15
CA PHE A 201 -1.36 10.45 -10.31
C PHE A 201 -2.82 10.48 -9.85
N TYR A 202 -3.21 9.43 -9.16
CA TYR A 202 -4.58 9.30 -8.66
C TYR A 202 -4.95 10.36 -7.65
N SER A 203 -4.10 10.62 -6.66
CA SER A 203 -4.46 11.64 -5.67
C SER A 203 -4.42 13.04 -6.28
N ASP A 204 -3.48 13.32 -7.18
CA ASP A 204 -3.47 14.60 -7.90
C ASP A 204 -4.70 14.77 -8.81
N LEU A 205 -5.08 13.70 -9.51
CA LEU A 205 -6.22 13.78 -10.42
C LEU A 205 -7.51 14.01 -9.65
N ARG A 206 -7.64 13.36 -8.51
CA ARG A 206 -8.80 13.56 -7.63
C ARG A 206 -8.95 15.02 -7.22
N LYS A 207 -7.86 15.65 -6.80
CA LYS A 207 -7.90 17.08 -6.45
C LYS A 207 -8.21 17.95 -7.68
N GLY A 208 -7.60 17.61 -8.82
CA GLY A 208 -7.79 18.39 -10.03
C GLY A 208 -9.23 18.39 -10.51
N LEU A 209 -9.87 17.23 -10.45
CA LEU A 209 -11.28 17.14 -10.83
C LEU A 209 -12.17 17.97 -9.90
N ARG A 210 -11.60 18.29 -8.74
CA ARG A 210 -12.25 19.00 -7.62
C ARG A 210 -13.17 18.05 -6.87
N ARG B 1 -11.83 -16.38 27.08
CA ARG B 1 -12.48 -17.59 26.60
C ARG B 1 -12.30 -18.72 27.59
N LYS B 2 -11.60 -19.76 27.16
CA LYS B 2 -11.28 -20.85 28.05
C LYS B 2 -10.24 -20.40 29.07
N ILE B 3 -9.32 -19.54 28.63
CA ILE B 3 -8.08 -19.30 29.36
C ILE B 3 -8.21 -18.55 30.69
N LYS B 4 -8.11 -19.27 31.80
CA LYS B 4 -8.03 -18.62 33.09
C LYS B 4 -6.63 -18.81 33.68
N LEU B 5 -6.07 -17.75 34.26
CA LEU B 5 -4.73 -17.79 34.81
C LEU B 5 -4.77 -17.81 36.33
N GLU B 6 -4.97 -18.98 36.91
CA GLU B 6 -5.19 -19.07 38.36
C GLU B 6 -4.04 -19.77 39.09
N GLY B 7 -3.02 -20.19 38.35
CA GLY B 7 -1.86 -20.80 38.98
C GLY B 7 -0.64 -20.73 38.09
N LEU B 8 0.51 -21.06 38.65
CA LEU B 8 1.79 -21.04 37.94
C LEU B 8 1.79 -21.95 36.73
N SER B 9 1.14 -23.10 36.86
CA SER B 9 1.04 -24.03 35.74
C SER B 9 0.26 -23.40 34.58
N ASP B 10 -0.72 -22.55 34.89
CA ASP B 10 -1.50 -21.89 33.83
C ASP B 10 -0.63 -20.90 33.05
N VAL B 11 0.19 -20.13 33.77
CA VAL B 11 1.11 -19.19 33.15
C VAL B 11 2.20 -19.89 32.35
N ALA B 12 2.71 -21.00 32.91
CA ALA B 12 3.69 -21.82 32.19
C ALA B 12 3.10 -22.35 30.90
N SER B 13 1.88 -22.86 31.00
CA SER B 13 1.19 -23.48 29.87
C SER B 13 0.89 -22.49 28.75
N ILE B 14 0.37 -21.33 29.09
CA ILE B 14 -0.01 -20.37 28.05
C ILE B 14 1.24 -19.76 27.40
N SER B 15 2.27 -19.53 28.21
CA SER B 15 3.54 -18.98 27.71
C SER B 15 4.20 -19.83 26.62
N THR B 16 4.36 -21.11 26.89
CA THR B 16 5.08 -21.94 25.94
C THR B 16 4.23 -22.17 24.69
N LYS B 17 2.92 -22.36 24.84
CA LYS B 17 2.05 -22.52 23.67
C LYS B 17 2.02 -21.26 22.79
N LEU B 18 1.98 -20.08 23.41
CA LEU B 18 1.99 -18.81 22.68
C LEU B 18 3.27 -18.64 21.87
N GLN B 19 4.37 -19.01 22.49
CA GLN B 19 5.67 -18.91 21.85
C GLN B 19 5.72 -19.84 20.64
N ASN B 20 5.32 -21.08 20.83
CA ASN B 20 5.33 -22.04 19.73
C ASN B 20 4.36 -21.63 18.63
N THR B 21 3.24 -21.02 19.02
CA THR B 21 2.25 -20.60 18.03
C THR B 21 2.77 -19.41 17.23
N LEU B 22 3.33 -18.41 17.89
CA LEU B 22 3.85 -17.25 17.17
C LEU B 22 5.00 -17.64 16.24
N ILE B 23 5.85 -18.55 16.69
CA ILE B 23 6.96 -19.03 15.87
C ILE B 23 6.40 -19.76 14.64
N GLN B 24 5.32 -20.51 14.82
CA GLN B 24 4.68 -21.16 13.68
C GLN B 24 4.20 -20.13 12.68
N TYR B 25 3.54 -19.08 13.17
CA TYR B 25 3.05 -18.01 12.29
C TYR B 25 4.20 -17.42 11.49
N HIS B 26 5.34 -17.28 12.16
CA HIS B 26 6.52 -16.65 11.58
C HIS B 26 7.15 -17.55 10.52
N SER B 27 6.69 -18.80 10.46
CA SER B 27 7.18 -19.77 9.48
C SER B 27 6.24 -19.91 8.28
N ILE B 28 5.05 -19.32 8.38
CA ILE B 28 4.08 -19.36 7.29
C ILE B 28 4.66 -18.71 6.04
N LYS B 29 4.65 -19.43 4.93
CA LYS B 29 5.31 -19.00 3.70
C LYS B 29 4.50 -17.94 2.92
N GLU B 30 5.19 -17.17 2.08
CA GLU B 30 4.60 -15.94 1.53
C GLU B 30 3.39 -16.19 0.64
N ASP B 31 3.26 -17.39 0.07
CA ASP B 31 2.14 -17.70 -0.81
C ASP B 31 0.82 -17.77 -0.04
N GLU B 32 0.90 -17.90 1.27
CA GLU B 32 -0.31 -17.95 2.08
C GLU B 32 -0.81 -16.56 2.43
N TRP B 33 0.02 -15.54 2.17
CA TRP B 33 -0.33 -14.17 2.54
C TRP B 33 -0.83 -13.37 1.35
N ARG B 34 -1.89 -12.60 1.56
CA ARG B 34 -2.36 -11.63 0.57
C ARG B 34 -2.04 -10.23 1.07
N VAL B 35 -1.52 -9.36 0.20
CA VAL B 35 -1.22 -7.99 0.59
C VAL B 35 -2.50 -7.20 0.93
N ALA B 36 -2.50 -6.60 2.12
CA ALA B 36 -3.64 -5.81 2.59
C ALA B 36 -3.36 -4.33 2.44
N LYS B 37 -2.11 -3.95 2.68
CA LYS B 37 -1.69 -2.56 2.51
C LYS B 37 -0.19 -2.56 2.31
N LYS B 38 0.28 -1.77 1.37
CA LYS B 38 1.72 -1.67 1.13
C LYS B 38 2.14 -0.22 0.86
N VAL B 39 3.01 0.31 1.71
CA VAL B 39 3.57 1.63 1.51
C VAL B 39 5.06 1.51 1.70
N LYS B 40 5.78 2.61 1.55
CA LYS B 40 7.22 2.55 1.58
C LYS B 40 7.74 2.04 2.93
N ASP B 41 7.08 2.44 4.02
CA ASP B 41 7.57 2.14 5.37
C ASP B 41 7.06 0.81 5.96
N VAL B 42 5.95 0.30 5.45
CA VAL B 42 5.41 -0.94 5.98
C VAL B 42 4.62 -1.73 4.96
N THR B 43 4.67 -3.06 5.06
CA THR B 43 3.73 -3.92 4.33
C THR B 43 2.85 -4.68 5.31
N VAL B 44 1.56 -4.76 4.99
CA VAL B 44 0.62 -5.52 5.81
C VAL B 44 -0.02 -6.59 4.94
N TRP B 45 0.02 -7.83 5.41
CA TRP B 45 -0.67 -8.94 4.75
C TRP B 45 -1.82 -9.46 5.60
N ARG B 46 -2.73 -10.22 4.98
CA ARG B 46 -3.75 -10.95 5.75
C ARG B 46 -3.88 -12.37 5.21
N LYS B 47 -4.26 -13.28 6.09
CA LYS B 47 -4.65 -14.63 5.70
C LYS B 47 -5.83 -15.03 6.59
N PRO B 48 -6.62 -16.02 6.16
CA PRO B 48 -7.75 -16.40 7.02
C PRO B 48 -7.24 -16.98 8.34
N SER B 49 -7.91 -16.61 9.42
CA SER B 49 -7.54 -17.12 10.74
C SER B 49 -8.03 -18.54 10.90
N GLU B 50 -7.27 -19.35 11.61
CA GLU B 50 -7.74 -20.68 11.98
C GLU B 50 -8.55 -20.65 13.29
N GLU B 51 -8.64 -19.46 13.89
CA GLU B 51 -9.20 -19.34 15.25
C GLU B 51 -10.62 -18.78 15.29
N PHE B 52 -10.99 -18.00 14.28
CA PHE B 52 -12.30 -17.35 14.28
C PHE B 52 -12.60 -16.84 12.88
N ASN B 53 -13.84 -16.41 12.65
CA ASN B 53 -14.26 -15.87 11.35
C ASN B 53 -13.62 -14.51 11.13
N GLY B 54 -12.40 -14.51 10.66
CA GLY B 54 -11.68 -13.27 10.47
C GLY B 54 -10.29 -13.59 9.98
N TYR B 55 -9.44 -12.57 10.00
CA TYR B 55 -8.11 -12.69 9.45
C TYR B 55 -7.02 -12.65 10.51
N LEU B 56 -5.94 -13.36 10.21
CA LEU B 56 -4.67 -13.16 10.88
C LEU B 56 -3.92 -12.15 10.04
N TYR B 57 -3.43 -11.08 10.67
CA TYR B 57 -2.65 -10.10 9.94
C TYR B 57 -1.18 -10.26 10.21
N LYS B 58 -0.35 -10.04 9.20
CA LYS B 58 1.10 -9.94 9.37
C LYS B 58 1.53 -8.55 8.93
N ALA B 59 2.50 -7.95 9.62
CA ALA B 59 3.10 -6.71 9.16
C ALA B 59 4.61 -6.75 9.31
N GLN B 60 5.32 -6.08 8.42
CA GLN B 60 6.78 -6.06 8.53
C GLN B 60 7.33 -4.72 8.09
N GLY B 61 8.28 -4.20 8.87
CA GLY B 61 8.86 -2.90 8.63
C GLY B 61 10.08 -2.68 9.52
N VAL B 62 10.93 -1.74 9.13
CA VAL B 62 12.14 -1.45 9.89
C VAL B 62 11.93 -0.30 10.87
N MET B 63 12.54 -0.41 12.05
CA MET B 63 12.58 0.63 13.06
C MET B 63 14.02 1.16 13.17
N ASP B 64 14.18 2.48 13.18
CA ASP B 64 15.51 3.07 13.34
C ASP B 64 15.91 3.13 14.82
N ASP B 65 15.97 1.96 15.44
CA ASP B 65 16.32 1.82 16.85
C ASP B 65 16.67 0.36 17.14
N VAL B 66 17.28 0.12 18.30
CA VAL B 66 17.71 -1.22 18.65
C VAL B 66 16.55 -2.02 19.28
N VAL B 67 16.62 -3.34 19.13
CA VAL B 67 15.58 -4.27 19.57
C VAL B 67 15.05 -3.95 20.97
N ASN B 68 15.96 -3.75 21.91
CA ASN B 68 15.54 -3.54 23.29
C ASN B 68 14.62 -2.34 23.46
N ASN B 69 14.91 -1.27 22.72
CA ASN B 69 14.13 -0.05 22.85
C ASN B 69 12.77 -0.15 22.13
N VAL B 70 12.74 -0.84 20.99
CA VAL B 70 11.48 -1.05 20.29
C VAL B 70 10.55 -1.91 21.14
N ILE B 71 11.07 -3.01 21.67
CA ILE B 71 10.24 -3.90 22.47
C ILE B 71 9.82 -3.25 23.80
N ASP B 72 10.68 -2.40 24.36
CA ASP B 72 10.35 -1.64 25.56
C ASP B 72 9.11 -0.77 25.33
N HIS B 73 8.96 -0.22 24.13
CA HIS B 73 7.82 0.65 23.85
C HIS B 73 6.56 -0.11 23.45
N ILE B 74 6.72 -1.37 23.04
CA ILE B 74 5.58 -2.17 22.63
C ILE B 74 4.89 -2.86 23.81
N ARG B 75 5.70 -3.25 24.80
CA ARG B 75 5.19 -4.00 25.94
C ARG B 75 4.15 -3.21 26.72
N PRO B 76 3.23 -3.91 27.42
CA PRO B 76 2.22 -3.22 28.21
C PRO B 76 2.81 -2.30 29.30
N GLY B 77 2.41 -1.04 29.28
CA GLY B 77 2.81 -0.09 30.30
C GLY B 77 2.55 1.32 29.78
N PRO B 78 2.84 2.35 30.59
CA PRO B 78 2.66 3.75 30.23
C PRO B 78 3.32 4.17 28.91
N TRP B 79 4.47 3.60 28.56
CA TRP B 79 5.13 3.96 27.30
C TRP B 79 4.31 3.53 26.08
N ARG B 80 3.70 2.35 26.14
CA ARG B 80 2.86 1.87 25.04
C ARG B 80 1.67 2.80 24.84
N LEU B 81 1.08 3.22 25.95
CA LEU B 81 -0.06 4.12 25.93
C LEU B 81 0.31 5.49 25.36
N ASP B 82 1.51 5.96 25.68
CA ASP B 82 2.00 7.26 25.23
C ASP B 82 1.97 7.45 23.72
N TRP B 83 2.43 6.45 22.96
CA TRP B 83 2.55 6.63 21.51
C TRP B 83 1.44 6.02 20.64
N ASP B 84 0.74 5.01 21.17
CA ASP B 84 -0.26 4.27 20.39
C ASP B 84 -1.58 5.02 20.32
N ARG B 85 -1.83 5.69 19.19
CA ARG B 85 -3.04 6.50 19.01
C ARG B 85 -4.34 5.72 19.16
N LEU B 86 -4.32 4.41 18.95
CA LEU B 86 -5.55 3.61 19.06
C LEU B 86 -5.95 3.38 20.52
N MET B 87 -4.98 3.38 21.43
CA MET B 87 -5.27 3.13 22.83
C MET B 87 -5.74 4.37 23.56
N THR B 88 -6.81 4.23 24.34
CA THR B 88 -7.30 5.35 25.14
C THR B 88 -6.97 5.17 26.62
N SER B 89 -6.80 3.93 27.06
CA SER B 89 -6.24 3.66 28.38
C SER B 89 -5.50 2.33 28.37
N LEU B 90 -4.75 2.10 29.43
CA LEU B 90 -3.97 0.89 29.57
C LEU B 90 -3.60 0.68 31.03
N ASP B 91 -3.96 -0.48 31.55
CA ASP B 91 -3.60 -0.82 32.92
C ASP B 91 -3.06 -2.25 33.02
N VAL B 92 -1.82 -2.37 33.47
CA VAL B 92 -1.26 -3.67 33.79
C VAL B 92 -1.94 -4.13 35.07
N LEU B 93 -2.51 -5.32 35.05
CA LEU B 93 -3.35 -5.78 36.16
C LEU B 93 -2.56 -6.56 37.20
N GLU B 94 -1.65 -7.41 36.75
CA GLU B 94 -0.82 -8.21 37.65
C GLU B 94 0.52 -8.53 37.04
N HIS B 95 1.55 -8.41 37.86
CA HIS B 95 2.91 -8.74 37.48
C HIS B 95 3.18 -10.20 37.86
N PHE B 96 3.45 -11.07 36.89
CA PHE B 96 3.76 -12.47 37.23
C PHE B 96 5.26 -12.64 37.39
N GLU B 97 6.00 -12.24 36.36
CA GLU B 97 7.44 -12.14 36.45
C GLU B 97 7.87 -10.89 35.71
N GLU B 98 9.19 -10.70 35.62
CA GLU B 98 9.77 -9.56 34.95
C GLU B 98 9.22 -9.44 33.52
N ASN B 99 8.96 -10.58 32.89
CA ASN B 99 8.65 -10.63 31.46
C ASN B 99 7.23 -11.10 31.17
N CYS B 100 6.38 -11.03 32.18
CA CYS B 100 5.11 -11.71 32.10
C CYS B 100 4.04 -11.00 32.91
N CYS B 101 2.89 -10.73 32.29
CA CYS B 101 1.85 -9.96 32.98
C CYS B 101 0.48 -10.15 32.33
N VAL B 102 -0.55 -9.72 33.03
CA VAL B 102 -1.89 -9.57 32.44
C VAL B 102 -2.21 -8.08 32.43
N MET B 103 -2.82 -7.59 31.35
CA MET B 103 -3.00 -6.16 31.08
C MET B 103 -4.44 -5.90 30.59
N ARG B 104 -5.02 -4.75 30.94
CA ARG B 104 -6.25 -4.30 30.29
C ARG B 104 -6.01 -3.01 29.47
N TYR B 105 -6.64 -2.89 28.29
CA TYR B 105 -6.56 -1.63 27.56
C TYR B 105 -7.86 -1.37 26.82
N THR B 106 -8.09 -0.10 26.48
CA THR B 106 -9.30 0.26 25.75
C THR B 106 -8.88 0.97 24.46
N THR B 107 -9.70 0.82 23.42
CA THR B 107 -9.41 1.43 22.11
C THR B 107 -10.40 2.54 21.77
N ALA B 108 -9.93 3.58 21.08
CA ALA B 108 -10.80 4.62 20.58
C ALA B 108 -11.77 4.05 19.55
N GLY B 109 -12.76 4.83 19.16
CA GLY B 109 -13.57 4.47 18.01
C GLY B 109 -12.72 4.48 16.76
N GLN B 110 -13.08 3.68 15.76
CA GLN B 110 -12.33 3.64 14.51
C GLN B 110 -13.21 3.94 13.30
N LEU B 111 -12.56 4.32 12.20
CA LEU B 111 -13.25 4.66 10.95
C LEU B 111 -14.34 5.69 11.21
N ASP B 112 -13.91 6.92 11.52
CA ASP B 112 -14.81 8.01 11.92
C ASP B 112 -15.94 7.52 12.80
N ASN B 113 -15.57 6.66 13.75
CA ASN B 113 -16.46 6.07 14.76
C ASN B 113 -17.51 5.07 14.24
N ILE B 114 -17.29 4.49 13.06
CA ILE B 114 -18.10 3.35 12.63
C ILE B 114 -17.90 2.18 13.58
N ILE B 115 -16.66 1.96 13.98
CA ILE B 115 -16.36 0.90 14.96
C ILE B 115 -16.23 1.52 16.34
N SER B 116 -17.07 1.07 17.26
CA SER B 116 -17.14 1.70 18.57
C SER B 116 -15.92 1.26 19.40
N PRO B 117 -15.65 1.98 20.52
CA PRO B 117 -14.56 1.57 21.41
C PRO B 117 -14.69 0.13 21.92
N ARG B 118 -13.55 -0.50 22.22
CA ARG B 118 -13.54 -1.85 22.73
C ARG B 118 -12.59 -1.98 23.91
N GLU B 119 -12.72 -3.07 24.64
CA GLU B 119 -11.84 -3.35 25.76
C GLU B 119 -11.20 -4.72 25.58
N PHE B 120 -9.95 -4.87 26.02
CA PHE B 120 -9.27 -6.15 25.95
C PHE B 120 -8.56 -6.41 27.27
N VAL B 121 -8.58 -7.66 27.73
CA VAL B 121 -7.75 -8.11 28.85
C VAL B 121 -6.88 -9.23 28.31
N ASP B 122 -5.56 -9.00 28.30
CA ASP B 122 -4.60 -9.86 27.60
C ASP B 122 -3.44 -10.27 28.50
N PHE B 123 -3.04 -11.53 28.35
CA PHE B 123 -1.79 -12.04 28.88
C PHE B 123 -0.68 -11.56 27.95
N SER B 124 0.47 -11.20 28.51
CA SER B 124 1.59 -10.71 27.72
C SER B 124 2.87 -11.38 28.18
N TYR B 125 3.71 -11.77 27.22
CA TYR B 125 4.91 -12.54 27.53
C TYR B 125 6.03 -12.13 26.59
N THR B 126 7.19 -11.79 27.15
CA THR B 126 8.35 -11.45 26.33
C THR B 126 9.47 -12.46 26.58
N VAL B 127 10.11 -12.89 25.49
CA VAL B 127 11.12 -13.93 25.60
C VAL B 127 12.14 -13.78 24.47
N GLY B 128 13.33 -14.33 24.64
CA GLY B 128 14.37 -14.22 23.61
C GLY B 128 13.98 -14.95 22.35
N TYR B 129 14.27 -14.37 21.19
CA TYR B 129 14.05 -15.04 19.93
C TYR B 129 15.24 -14.75 19.01
N GLU B 130 15.95 -15.82 18.61
CA GLU B 130 17.18 -15.68 17.83
C GLU B 130 18.07 -14.59 18.43
N GLU B 131 18.41 -13.59 17.62
CA GLU B 131 19.23 -12.49 18.12
C GLU B 131 18.41 -11.36 18.73
N GLY B 132 17.08 -11.51 18.75
CA GLY B 132 16.22 -10.47 19.27
C GLY B 132 15.26 -10.92 20.36
N LEU B 133 14.02 -10.47 20.26
CA LEU B 133 12.99 -10.72 21.26
C LEU B 133 11.67 -11.04 20.57
N LEU B 134 10.83 -11.80 21.27
CA LEU B 134 9.42 -11.97 20.89
C LEU B 134 8.55 -11.46 22.03
N SER B 135 7.56 -10.64 21.73
CA SER B 135 6.63 -10.19 22.76
C SER B 135 5.24 -10.54 22.30
N CYS B 136 4.62 -11.54 22.94
CA CYS B 136 3.38 -12.11 22.43
C CYS B 136 2.24 -12.07 23.45
N GLY B 137 1.02 -12.37 23.00
CA GLY B 137 -0.11 -12.26 23.89
C GLY B 137 -1.36 -12.95 23.41
N VAL B 138 -2.35 -13.01 24.29
CA VAL B 138 -3.65 -13.59 23.98
C VAL B 138 -4.63 -13.11 25.07
N SER B 139 -5.90 -12.96 24.70
CA SER B 139 -6.91 -12.54 25.66
C SER B 139 -7.13 -13.63 26.69
N VAL B 140 -7.43 -13.22 27.92
CA VAL B 140 -7.71 -14.19 28.99
C VAL B 140 -8.89 -13.72 29.86
N GLU B 141 -9.51 -14.68 30.56
CA GLU B 141 -10.56 -14.39 31.52
C GLU B 141 -10.02 -13.55 32.66
N TRP B 142 -10.76 -12.54 33.07
CA TRP B 142 -10.33 -11.74 34.21
C TRP B 142 -11.53 -11.02 34.79
N SER B 143 -11.99 -11.50 35.93
CA SER B 143 -13.29 -11.11 36.46
C SER B 143 -13.19 -9.94 37.43
N GLU B 144 -12.01 -9.76 38.01
CA GLU B 144 -11.83 -8.78 39.09
C GLU B 144 -11.82 -7.33 38.64
N THR B 145 -11.64 -7.08 37.35
CA THR B 145 -11.48 -5.71 36.87
C THR B 145 -12.78 -5.17 36.30
N ARG B 146 -13.18 -3.99 36.76
CA ARG B 146 -14.42 -3.38 36.30
C ARG B 146 -14.32 -3.07 34.81
N PRO B 147 -15.19 -3.69 34.01
CA PRO B 147 -15.21 -3.42 32.56
C PRO B 147 -15.87 -2.08 32.24
N GLU B 148 -15.51 -1.48 31.10
CA GLU B 148 -16.16 -0.25 30.69
C GLU B 148 -16.84 -0.44 29.34
N PHE B 149 -16.16 -1.11 28.43
CA PHE B 149 -16.71 -1.38 27.11
C PHE B 149 -16.90 -2.86 26.90
N VAL B 150 -17.58 -3.20 25.80
CA VAL B 150 -17.68 -4.59 25.38
C VAL B 150 -16.28 -5.10 25.11
N ARG B 151 -16.04 -6.35 25.47
CA ARG B 151 -14.72 -6.93 25.37
C ARG B 151 -14.47 -7.55 24.00
N GLY B 152 -13.45 -7.07 23.31
CA GLY B 152 -12.98 -7.73 22.10
C GLY B 152 -12.21 -8.97 22.50
N TYR B 153 -11.62 -9.65 21.52
CA TYR B 153 -10.83 -10.85 21.81
C TYR B 153 -9.60 -10.87 20.95
N ASN B 154 -8.44 -10.88 21.59
CA ASN B 154 -7.18 -11.04 20.87
C ASN B 154 -6.82 -12.51 20.84
N HIS B 155 -6.95 -13.13 19.68
CA HIS B 155 -6.41 -14.47 19.47
C HIS B 155 -4.88 -14.34 19.46
N PRO B 156 -4.13 -15.46 19.39
CA PRO B 156 -2.68 -15.32 19.58
C PRO B 156 -2.04 -14.31 18.65
N CYS B 157 -1.24 -13.42 19.25
CA CYS B 157 -0.64 -12.30 18.54
C CYS B 157 0.73 -11.96 19.12
N GLY B 158 1.54 -11.21 18.40
CA GLY B 158 2.80 -10.82 18.96
C GLY B 158 3.69 -10.06 18.00
N TRP B 159 4.89 -9.77 18.48
CA TRP B 159 5.84 -8.94 17.77
C TRP B 159 7.22 -9.56 17.85
N PHE B 160 7.78 -9.88 16.68
CA PHE B 160 9.18 -10.27 16.58
C PHE B 160 10.00 -9.05 16.28
N CYS B 161 11.06 -8.81 17.05
CA CYS B 161 11.96 -7.71 16.77
C CYS B 161 13.40 -8.21 16.82
N VAL B 162 14.06 -8.22 15.66
CA VAL B 162 15.45 -8.71 15.55
C VAL B 162 16.36 -7.65 14.95
N PRO B 163 17.67 -7.69 15.27
CA PRO B 163 18.54 -6.68 14.65
C PRO B 163 18.53 -6.81 13.12
N LEU B 164 18.52 -5.68 12.45
CA LEU B 164 18.54 -5.66 10.99
C LEU B 164 19.85 -6.27 10.50
N LYS B 165 19.78 -7.21 9.56
CA LYS B 165 21.01 -7.83 9.08
C LYS B 165 21.96 -6.76 8.55
N ASP B 166 23.23 -6.89 8.95
CA ASP B 166 24.31 -5.97 8.58
C ASP B 166 24.18 -4.59 9.21
N SER B 167 23.14 -4.35 10.01
CA SER B 167 22.94 -3.01 10.56
C SER B 167 22.26 -3.04 11.93
N PRO B 168 23.00 -3.48 12.97
CA PRO B 168 22.47 -3.77 14.30
C PRO B 168 21.90 -2.55 15.05
N SER B 169 22.20 -1.34 14.59
CA SER B 169 21.57 -0.14 15.15
C SER B 169 20.10 0.00 14.76
N GLN B 170 19.67 -0.78 13.77
CA GLN B 170 18.28 -0.78 13.31
C GLN B 170 17.67 -2.15 13.60
N SER B 171 16.33 -2.25 13.50
CA SER B 171 15.65 -3.48 13.85
C SER B 171 14.59 -3.83 12.82
N LEU B 172 14.44 -5.12 12.53
CA LEU B 172 13.34 -5.56 11.69
C LEU B 172 12.17 -5.93 12.59
N LEU B 173 11.04 -5.24 12.46
CA LEU B 173 9.87 -5.54 13.31
C LEU B 173 8.77 -6.26 12.54
N THR B 174 8.46 -7.47 12.96
CA THR B 174 7.43 -8.29 12.33
C THR B 174 6.30 -8.58 13.31
N GLY B 175 5.08 -8.20 12.92
CA GLY B 175 3.94 -8.35 13.80
C GLY B 175 2.91 -9.32 13.30
N TYR B 176 2.21 -9.96 14.22
CA TYR B 176 1.09 -10.84 13.92
C TYR B 176 -0.07 -10.45 14.81
N ILE B 177 -1.18 -10.03 14.20
CA ILE B 177 -2.33 -9.52 14.94
C ILE B 177 -3.55 -10.31 14.49
N GLN B 178 -4.43 -10.65 15.43
CA GLN B 178 -5.51 -11.58 15.15
C GLN B 178 -6.73 -11.21 15.99
N THR B 179 -7.04 -9.92 16.00
CA THR B 179 -8.11 -9.35 16.84
C THR B 179 -9.53 -9.66 16.34
N ASP B 180 -10.40 -10.08 17.26
CA ASP B 180 -11.84 -10.11 17.00
C ASP B 180 -12.48 -8.93 17.73
N LEU B 181 -12.94 -7.94 16.97
CA LEU B 181 -13.56 -6.75 17.55
C LEU B 181 -14.92 -7.06 18.21
N ARG B 182 -15.53 -8.17 17.82
CA ARG B 182 -16.85 -8.58 18.29
C ARG B 182 -17.90 -7.54 17.94
N GLY B 183 -19.11 -7.71 18.45
CA GLY B 183 -20.21 -6.84 18.08
C GLY B 183 -20.63 -7.08 16.65
N MET B 184 -21.53 -6.26 16.13
CA MET B 184 -21.96 -6.43 14.74
C MET B 184 -21.48 -5.26 13.91
N ILE B 185 -20.54 -5.55 13.02
CA ILE B 185 -19.86 -4.56 12.21
C ILE B 185 -19.77 -5.11 10.79
N PRO B 186 -20.09 -4.29 9.76
CA PRO B 186 -19.90 -4.74 8.37
C PRO B 186 -18.50 -5.25 8.17
N GLN B 187 -18.32 -6.47 7.66
CA GLN B 187 -16.97 -7.06 7.55
C GLN B 187 -16.03 -6.17 6.77
N SER B 188 -16.56 -5.37 5.84
CA SER B 188 -15.72 -4.44 5.06
C SER B 188 -15.08 -3.38 5.95
N ALA B 189 -15.84 -2.91 6.94
CA ALA B 189 -15.33 -1.96 7.91
C ALA B 189 -14.25 -2.58 8.79
N VAL B 190 -14.51 -3.81 9.25
CA VAL B 190 -13.52 -4.54 10.06
C VAL B 190 -12.19 -4.68 9.33
N ASP B 191 -12.22 -5.08 8.07
CA ASP B 191 -10.99 -5.32 7.30
C ASP B 191 -10.22 -4.03 7.04
N THR B 192 -10.95 -2.95 6.75
CA THR B 192 -10.28 -1.66 6.56
C THR B 192 -9.63 -1.18 7.84
N ALA B 193 -10.32 -1.35 8.97
CA ALA B 193 -9.84 -0.86 10.25
C ALA B 193 -8.60 -1.62 10.70
N MET B 194 -8.61 -2.93 10.45
CA MET B 194 -7.52 -3.77 10.91
C MET B 194 -6.25 -3.45 10.11
N ALA B 195 -6.40 -3.30 8.79
CA ALA B 195 -5.28 -2.93 7.95
C ALA B 195 -4.70 -1.59 8.37
N SER B 196 -5.57 -0.64 8.70
CA SER B 196 -5.12 0.68 9.14
C SER B 196 -4.50 0.61 10.53
N THR B 197 -5.03 -0.27 11.37
CA THR B 197 -4.50 -0.45 12.72
C THR B 197 -3.02 -0.82 12.65
N LEU B 198 -2.69 -1.85 11.89
CA LEU B 198 -1.29 -2.28 11.74
C LEU B 198 -0.41 -1.20 11.14
N ALA B 199 -0.89 -0.48 10.13
CA ALA B 199 -0.07 0.56 9.49
C ALA B 199 0.20 1.73 10.43
N ASN B 200 -0.83 2.18 11.14
CA ASN B 200 -0.71 3.27 12.10
C ASN B 200 0.23 2.91 13.26
N PHE B 201 0.22 1.64 13.64
CA PHE B 201 1.07 1.10 14.71
C PHE B 201 2.52 1.44 14.39
N TYR B 202 2.93 1.13 13.17
CA TYR B 202 4.31 1.37 12.74
C TYR B 202 4.63 2.86 12.69
N SER B 203 3.70 3.63 12.14
CA SER B 203 3.88 5.07 12.03
C SER B 203 3.94 5.74 13.39
N ASP B 204 3.03 5.34 14.29
CA ASP B 204 3.00 5.89 15.63
C ASP B 204 4.23 5.49 16.43
N LEU B 205 4.66 4.24 16.29
CA LEU B 205 5.80 3.75 17.05
C LEU B 205 7.08 4.46 16.61
N ARG B 206 7.27 4.61 15.29
CA ARG B 206 8.43 5.34 14.77
C ARG B 206 8.54 6.71 15.41
N LYS B 207 7.40 7.40 15.54
CA LYS B 207 7.39 8.72 16.13
C LYS B 207 7.60 8.65 17.65
N GLY B 208 7.04 7.62 18.29
CA GLY B 208 7.17 7.44 19.73
C GLY B 208 8.61 7.16 20.16
N LEU B 209 9.34 6.43 19.34
CA LEU B 209 10.76 6.19 19.60
C LEU B 209 11.60 7.46 19.47
N ARG B 210 10.95 8.52 18.99
CA ARG B 210 11.57 9.81 18.68
C ARG B 210 12.51 9.67 17.49
#